data_3OZJ
#
_entry.id   3OZJ
#
_cell.length_a   65.400
_cell.length_b   66.590
_cell.length_c   111.730
_cell.angle_alpha   90.00
_cell.angle_beta   90.00
_cell.angle_gamma   90.00
#
_symmetry.space_group_name_H-M   'P 21 21 21'
#
loop_
_entity.id
_entity.type
_entity.pdbx_description
1 polymer 'Retinoic acid receptor RXR-alpha'
2 polymer 'SRC-1, peptide of Nuclear receptor coactivator 2'
3 non-polymer '(3aR,4S,4aR,7aR,8R,9aS)-4a,8-dimethyl-3-methylidene-2,5-dioxo-2,3,3a,4,4a,5,7a,8,9,9a-decahydroazuleno[6,5-b]furan-4-yl acetate'
4 water water
#
loop_
_entity_poly.entity_id
_entity_poly.type
_entity_poly.pdbx_seq_one_letter_code
_entity_poly.pdbx_strand_id
1 'polypeptide(L)'
;SANEDMPVERILEAELAVEPKTETYVEANMGLNPSSPNDPVTNICQAADKQLFTLVEWAKRIPHFSELPLDDQVILLRAG
WNELLIASFSHRSIAVKDGILLATGLHVHRNSAHSAGVGAIFDRVLTELVSKMRDMQMDKTELGCLRAIVLFNPDSKGLS
NPAEVEALREKVYASLEAYCKHKYPEQPGRFAKLLLRLPALRSIGLKCLEHLFFFKLIGDTPIDTFLMEMLEAPHQMT
;
A,C
2 'polypeptide(L)' KHKILHRLLQD B,D
#
loop_
_chem_comp.id
_chem_comp.type
_chem_comp.name
_chem_comp.formula
BGV non-polymer '(3aR,4S,4aR,7aR,8R,9aS)-4a,8-dimethyl-3-methylidene-2,5-dioxo-2,3,3a,4,4a,5,7a,8,9,9a-decahydroazuleno[6,5-b]furan-4-yl acetate' 'C17 H20 O5'
#
# COMPACT_ATOMS: atom_id res chain seq x y z
N ASN A 3 -18.36 -2.48 19.31
CA ASN A 3 -17.38 -3.44 19.80
C ASN A 3 -18.00 -4.67 20.45
N GLU A 4 -19.11 -5.12 19.91
CA GLU A 4 -19.79 -6.32 20.35
C GLU A 4 -19.79 -7.32 19.25
N ASP A 5 -20.14 -6.91 18.05
CA ASP A 5 -20.09 -7.82 16.94
C ASP A 5 -18.68 -8.28 16.73
N MET A 6 -17.75 -7.33 16.69
CA MET A 6 -16.33 -7.60 16.55
C MET A 6 -15.54 -6.82 17.58
N PRO A 7 -15.01 -7.50 18.57
CA PRO A 7 -14.39 -6.83 19.70
C PRO A 7 -12.90 -6.78 19.73
N VAL A 8 -12.30 -5.74 20.31
CA VAL A 8 -10.87 -5.77 20.54
C VAL A 8 -10.48 -6.81 21.55
N GLU A 9 -11.30 -7.04 22.53
CA GLU A 9 -10.94 -7.91 23.60
C GLU A 9 -10.47 -9.26 23.10
N ARG A 10 -11.21 -9.93 22.26
CA ARG A 10 -10.80 -11.16 21.59
C ARG A 10 -9.70 -11.00 20.60
N ILE A 11 -9.69 -9.87 19.93
CA ILE A 11 -8.70 -9.57 18.93
C ILE A 11 -7.40 -9.50 19.63
N LEU A 12 -7.43 -9.40 20.94
CA LEU A 12 -6.23 -9.57 21.70
C LEU A 12 -5.89 -11.03 22.08
N GLU A 13 -6.90 -11.84 22.33
CA GLU A 13 -6.70 -13.20 22.68
C GLU A 13 -6.06 -13.91 21.52
N ALA A 14 -6.49 -13.59 20.33
CA ALA A 14 -6.05 -14.25 19.13
C ALA A 14 -4.69 -13.76 18.86
N GLU A 15 -4.17 -12.97 19.75
CA GLU A 15 -2.83 -12.57 19.59
C GLU A 15 -1.90 -13.13 20.64
N LEU A 16 -2.39 -13.28 21.84
CA LEU A 16 -1.75 -13.86 22.98
C LEU A 16 -1.51 -15.35 22.89
N ALA A 17 -2.46 -16.00 22.27
CA ALA A 17 -2.46 -17.43 22.04
C ALA A 17 -1.46 -17.96 21.03
N VAL A 18 -1.21 -17.23 19.98
CA VAL A 18 -0.26 -17.69 18.97
C VAL A 18 1.16 -17.19 19.17
N GLU A 19 1.32 -16.22 20.03
CA GLU A 19 2.58 -15.62 20.33
C GLU A 19 3.71 -16.50 20.75
N PRO A 20 4.59 -16.72 19.78
CA PRO A 20 5.74 -17.57 19.89
C PRO A 20 5.84 -18.28 21.21
N ASN A 38 22.19 -22.35 8.34
CA ASN A 38 22.93 -21.31 8.98
C ASN A 38 23.22 -20.05 8.15
N ASP A 39 22.85 -20.06 6.87
CA ASP A 39 22.89 -18.87 6.05
C ASP A 39 21.50 -18.36 6.32
N PRO A 40 21.38 -17.17 6.88
CA PRO A 40 20.18 -16.63 7.50
C PRO A 40 18.96 -16.51 6.63
N VAL A 41 19.18 -16.40 5.34
CA VAL A 41 18.15 -16.29 4.38
C VAL A 41 17.48 -17.62 4.39
N THR A 42 17.99 -18.51 5.21
CA THR A 42 17.41 -19.82 5.41
C THR A 42 16.68 -19.88 6.75
N ASN A 43 17.32 -19.32 7.75
CA ASN A 43 16.83 -19.23 9.10
C ASN A 43 15.53 -18.45 9.20
N ILE A 44 15.43 -17.42 8.39
CA ILE A 44 14.23 -16.64 8.17
C ILE A 44 13.12 -17.43 7.47
N CYS A 45 13.48 -18.13 6.41
CA CYS A 45 12.62 -19.01 5.62
C CYS A 45 12.09 -20.24 6.32
N GLN A 46 12.87 -20.80 7.22
CA GLN A 46 12.35 -21.78 8.08
C GLN A 46 11.37 -21.16 9.02
N ALA A 47 11.76 -20.08 9.65
CA ALA A 47 10.96 -19.43 10.65
C ALA A 47 9.70 -19.14 10.02
N ALA A 48 9.81 -18.73 8.77
CA ALA A 48 8.73 -18.42 7.86
C ALA A 48 7.74 -19.55 7.47
N ASP A 49 8.21 -20.74 7.40
CA ASP A 49 7.40 -21.90 7.21
C ASP A 49 6.67 -22.27 8.46
N LYS A 50 7.37 -22.21 9.58
CA LYS A 50 6.90 -22.61 10.87
C LYS A 50 5.73 -21.77 11.26
N GLN A 51 5.81 -20.54 10.82
CA GLN A 51 4.85 -19.53 11.02
C GLN A 51 3.56 -19.63 10.29
N LEU A 52 3.58 -20.14 9.08
CA LEU A 52 2.39 -20.25 8.28
C LEU A 52 1.35 -21.18 8.89
N PHE A 53 1.83 -22.06 9.71
CA PHE A 53 1.06 -22.94 10.56
C PHE A 53 0.28 -22.31 11.71
N THR A 54 0.93 -21.50 12.48
CA THR A 54 0.39 -20.72 13.57
C THR A 54 -0.47 -19.56 13.07
N LEU A 55 -0.22 -19.15 11.85
CA LEU A 55 -0.98 -18.12 11.22
C LEU A 55 -2.38 -18.61 11.08
N VAL A 56 -2.53 -19.83 10.65
CA VAL A 56 -3.83 -20.44 10.53
C VAL A 56 -4.53 -20.52 11.89
N GLU A 57 -3.83 -20.84 12.97
CA GLU A 57 -4.45 -20.86 14.28
C GLU A 57 -4.94 -19.50 14.70
N TRP A 58 -4.21 -18.46 14.33
CA TRP A 58 -4.66 -17.12 14.57
C TRP A 58 -5.93 -16.78 13.79
N ALA A 59 -5.92 -17.01 12.51
CA ALA A 59 -7.04 -16.72 11.69
C ALA A 59 -8.28 -17.49 12.14
N LYS A 60 -8.13 -18.58 12.88
CA LYS A 60 -9.28 -19.28 13.40
C LYS A 60 -9.90 -18.57 14.57
N ARG A 61 -9.14 -17.65 15.14
CA ARG A 61 -9.59 -16.92 16.28
C ARG A 61 -9.84 -15.45 16.04
N ILE A 62 -9.69 -14.99 14.82
CA ILE A 62 -10.10 -13.62 14.55
C ILE A 62 -11.49 -13.78 14.01
N PRO A 63 -12.45 -13.37 14.83
CA PRO A 63 -13.83 -13.76 14.72
C PRO A 63 -14.53 -13.58 13.37
N HIS A 64 -15.23 -14.65 13.02
CA HIS A 64 -16.03 -14.75 11.85
C HIS A 64 -15.23 -15.10 10.63
N PHE A 65 -13.95 -15.28 10.75
CA PHE A 65 -13.20 -15.73 9.62
C PHE A 65 -13.71 -17.10 9.22
N SER A 66 -13.86 -17.99 10.17
CA SER A 66 -14.30 -19.34 9.98
C SER A 66 -15.69 -19.42 9.37
N GLU A 67 -16.63 -18.64 9.85
CA GLU A 67 -17.98 -18.70 9.42
C GLU A 67 -18.00 -18.64 7.91
N LEU A 68 -16.98 -18.08 7.31
CA LEU A 68 -16.90 -17.88 5.89
C LEU A 68 -16.86 -19.15 5.09
N PRO A 69 -17.15 -19.04 3.82
CA PRO A 69 -16.96 -20.16 2.96
C PRO A 69 -15.46 -20.43 2.95
N LEU A 70 -15.15 -21.69 3.08
CA LEU A 70 -13.82 -22.17 3.19
C LEU A 70 -13.05 -21.83 1.95
N ASP A 71 -13.76 -21.71 0.84
CA ASP A 71 -13.16 -21.32 -0.45
C ASP A 71 -12.54 -19.90 -0.41
N ASP A 72 -13.13 -19.06 0.38
CA ASP A 72 -12.69 -17.76 0.73
C ASP A 72 -11.52 -17.61 1.73
N GLN A 73 -11.50 -18.46 2.75
CA GLN A 73 -10.50 -18.53 3.76
C GLN A 73 -9.17 -18.86 3.15
N VAL A 74 -9.19 -19.59 2.05
CA VAL A 74 -8.05 -19.88 1.22
C VAL A 74 -7.48 -18.74 0.43
N ILE A 75 -8.33 -18.02 -0.28
CA ILE A 75 -7.94 -16.85 -1.07
C ILE A 75 -7.41 -15.76 -0.20
N LEU A 76 -8.07 -15.52 0.90
CA LEU A 76 -7.66 -14.46 1.78
C LEU A 76 -6.28 -14.68 2.32
N LEU A 77 -6.02 -15.89 2.81
CA LEU A 77 -4.72 -16.29 3.29
C LEU A 77 -3.53 -16.41 2.29
N ARG A 78 -3.78 -16.93 1.12
CA ARG A 78 -2.76 -16.96 0.10
C ARG A 78 -2.37 -15.58 -0.25
N ALA A 79 -3.28 -14.64 -0.27
CA ALA A 79 -2.98 -13.30 -0.70
C ALA A 79 -2.44 -12.38 0.36
N GLY A 80 -2.58 -12.76 1.61
CA GLY A 80 -2.13 -11.94 2.70
C GLY A 80 -1.12 -12.43 3.70
N TRP A 81 -0.54 -13.57 3.42
CA TRP A 81 0.48 -14.21 4.24
C TRP A 81 1.75 -13.40 4.33
N ASN A 82 2.15 -12.78 3.24
CA ASN A 82 3.34 -12.03 3.21
C ASN A 82 3.34 -10.93 4.23
N GLU A 83 2.39 -10.01 4.13
CA GLU A 83 2.11 -8.91 5.00
C GLU A 83 1.68 -9.19 6.44
N LEU A 84 0.86 -10.18 6.65
CA LEU A 84 0.48 -10.63 7.98
C LEU A 84 1.66 -11.14 8.84
N LEU A 85 2.52 -11.90 8.23
CA LEU A 85 3.78 -12.36 8.78
C LEU A 85 4.86 -11.30 9.01
N ILE A 86 5.10 -10.43 8.06
CA ILE A 86 6.07 -9.40 8.18
C ILE A 86 5.70 -8.51 9.34
N ALA A 87 4.45 -8.20 9.43
CA ALA A 87 3.91 -7.36 10.47
C ALA A 87 3.98 -7.98 11.84
N SER A 88 3.87 -9.29 11.94
CA SER A 88 3.94 -9.97 13.20
C SER A 88 5.32 -10.03 13.86
N PHE A 89 6.35 -10.25 13.07
CA PHE A 89 7.75 -10.15 13.46
C PHE A 89 8.27 -8.76 13.75
N SER A 90 7.96 -7.80 12.89
CA SER A 90 8.38 -6.45 13.09
C SER A 90 7.91 -5.98 14.45
N HIS A 91 6.76 -6.41 14.86
CA HIS A 91 6.23 -6.03 16.14
C HIS A 91 7.06 -6.60 17.29
N ARG A 92 7.57 -7.78 17.02
CA ARG A 92 8.34 -8.57 17.91
C ARG A 92 9.68 -8.00 18.23
N SER A 93 10.17 -7.23 17.31
CA SER A 93 11.50 -6.76 17.21
C SER A 93 11.64 -5.34 17.66
N ILE A 94 10.70 -4.88 18.44
CA ILE A 94 10.75 -3.55 19.03
C ILE A 94 11.95 -3.47 19.99
N ALA A 95 12.16 -4.50 20.77
CA ALA A 95 13.27 -4.61 21.70
C ALA A 95 14.64 -4.67 21.07
N VAL A 96 14.78 -5.41 20.00
CA VAL A 96 16.03 -5.59 19.35
C VAL A 96 16.40 -4.31 18.71
N LYS A 97 17.65 -3.96 18.86
CA LYS A 97 18.04 -2.69 18.44
C LYS A 97 18.08 -2.48 16.96
N ASP A 98 18.87 -3.27 16.28
CA ASP A 98 19.10 -3.16 14.88
C ASP A 98 19.02 -4.51 14.21
N GLY A 99 17.97 -5.27 14.48
CA GLY A 99 17.76 -6.58 13.92
C GLY A 99 16.41 -7.09 14.29
N ILE A 100 15.92 -8.18 13.72
CA ILE A 100 14.61 -8.73 14.07
C ILE A 100 14.53 -9.86 15.07
N LEU A 101 13.36 -10.09 15.60
CA LEU A 101 13.15 -11.22 16.47
C LEU A 101 12.21 -12.29 15.87
N LEU A 102 12.82 -13.23 15.18
CA LEU A 102 12.22 -14.36 14.49
C LEU A 102 11.56 -15.30 15.46
N ALA A 103 10.53 -16.02 15.09
CA ALA A 103 9.86 -16.91 16.04
C ALA A 103 10.64 -18.13 16.53
N THR A 104 11.65 -18.50 15.77
CA THR A 104 12.51 -19.63 16.03
C THR A 104 13.51 -19.47 17.16
N GLY A 105 13.55 -18.28 17.71
CA GLY A 105 14.37 -17.85 18.82
C GLY A 105 15.57 -17.02 18.50
N LEU A 106 16.16 -17.22 17.35
CA LEU A 106 17.32 -16.42 17.01
C LEU A 106 17.04 -14.98 16.75
N HIS A 107 18.03 -14.18 17.07
CA HIS A 107 18.08 -12.79 16.82
C HIS A 107 18.93 -12.58 15.58
N VAL A 108 18.47 -11.74 14.69
CA VAL A 108 19.13 -11.50 13.40
C VAL A 108 19.48 -10.03 13.12
N HIS A 109 20.75 -9.69 13.24
CA HIS A 109 21.32 -8.36 12.98
C HIS A 109 21.45 -7.92 11.52
N ARG A 110 21.40 -6.63 11.32
CA ARG A 110 21.29 -6.00 10.02
C ARG A 110 22.46 -6.24 9.11
N ASN A 111 23.58 -6.47 9.72
CA ASN A 111 24.77 -6.84 9.02
C ASN A 111 24.82 -8.26 8.50
N SER A 112 24.26 -9.16 9.28
CA SER A 112 24.08 -10.55 8.96
C SER A 112 23.25 -10.52 7.73
N ALA A 113 22.29 -9.64 7.74
CA ALA A 113 21.42 -9.40 6.63
C ALA A 113 22.09 -8.82 5.42
N HIS A 114 22.92 -7.83 5.65
CA HIS A 114 23.68 -7.18 4.61
C HIS A 114 24.70 -8.04 3.93
N SER A 115 25.42 -8.79 4.72
CA SER A 115 26.41 -9.67 4.21
C SER A 115 25.79 -10.73 3.31
N ALA A 116 24.52 -11.01 3.53
CA ALA A 116 23.80 -12.03 2.80
C ALA A 116 23.10 -11.55 1.53
N GLY A 117 23.40 -10.34 1.10
CA GLY A 117 22.87 -9.75 -0.09
C GLY A 117 21.49 -9.15 -0.02
N VAL A 118 20.89 -9.18 1.16
CA VAL A 118 19.57 -8.65 1.36
C VAL A 118 19.53 -7.42 2.24
N GLY A 119 20.56 -6.61 2.15
CA GLY A 119 20.69 -5.42 2.94
C GLY A 119 19.59 -4.44 2.72
N ALA A 120 19.20 -4.31 1.46
CA ALA A 120 18.19 -3.39 0.97
C ALA A 120 16.76 -3.52 1.52
N ILE A 121 16.22 -4.70 1.61
CA ILE A 121 14.88 -4.87 2.16
C ILE A 121 14.78 -5.04 3.70
N PHE A 122 15.82 -5.59 4.27
CA PHE A 122 15.92 -5.77 5.69
C PHE A 122 15.99 -4.44 6.39
N ASP A 123 16.73 -3.51 5.80
CA ASP A 123 16.85 -2.15 6.27
C ASP A 123 15.52 -1.43 6.21
N ARG A 124 14.80 -1.65 5.13
CA ARG A 124 13.48 -1.19 4.87
C ARG A 124 12.41 -1.66 5.89
N VAL A 125 12.44 -2.91 6.29
CA VAL A 125 11.59 -3.39 7.35
C VAL A 125 11.89 -2.65 8.66
N LEU A 126 13.15 -2.44 8.97
CA LEU A 126 13.57 -1.75 10.18
C LEU A 126 13.24 -0.27 10.28
N THR A 127 13.63 0.46 9.24
CA THR A 127 13.34 1.86 9.08
C THR A 127 11.85 2.15 8.95
N GLU A 128 11.25 1.56 7.94
CA GLU A 128 9.88 1.70 7.55
C GLU A 128 8.82 1.10 8.45
N LEU A 129 9.13 0.02 9.12
CA LEU A 129 8.18 -0.63 9.98
C LEU A 129 8.48 -0.77 11.45
N VAL A 130 9.63 -1.28 11.84
CA VAL A 130 9.93 -1.42 13.26
C VAL A 130 10.16 -0.14 13.97
N SER A 131 10.96 0.75 13.39
CA SER A 131 11.29 1.98 14.10
C SER A 131 10.00 2.70 14.42
N LYS A 132 9.14 2.78 13.41
CA LYS A 132 7.85 3.42 13.51
C LYS A 132 6.97 2.71 14.53
N MET A 133 7.06 1.42 14.64
CA MET A 133 6.31 0.78 15.63
C MET A 133 6.79 1.23 17.00
N ARG A 134 8.08 1.26 17.22
CA ARG A 134 8.73 1.68 18.45
C ARG A 134 8.54 3.15 18.86
N ASP A 135 8.47 3.98 17.85
CA ASP A 135 8.28 5.38 18.03
C ASP A 135 6.93 5.68 18.60
N MET A 136 5.91 4.98 18.16
CA MET A 136 4.59 5.19 18.72
C MET A 136 4.14 4.19 19.75
N GLN A 137 5.03 3.29 20.11
CA GLN A 137 4.78 2.29 21.12
C GLN A 137 3.55 1.43 20.87
N MET A 138 3.34 1.06 19.62
CA MET A 138 2.16 0.34 19.15
C MET A 138 1.94 -0.96 19.89
N ASP A 139 0.76 -1.10 20.43
CA ASP A 139 0.39 -2.25 21.22
C ASP A 139 -0.21 -3.45 20.51
N LYS A 140 -0.27 -4.54 21.23
CA LYS A 140 -0.61 -5.84 20.71
C LYS A 140 -1.99 -5.90 20.10
N THR A 141 -2.92 -5.17 20.68
CA THR A 141 -4.25 -4.98 20.17
C THR A 141 -4.29 -4.20 18.89
N GLU A 142 -3.46 -3.18 18.83
CA GLU A 142 -3.38 -2.31 17.70
C GLU A 142 -2.86 -3.09 16.53
N LEU A 143 -1.89 -3.91 16.82
CA LEU A 143 -1.39 -4.86 15.88
C LEU A 143 -2.41 -5.92 15.42
N GLY A 144 -3.10 -6.55 16.31
CA GLY A 144 -4.01 -7.54 15.88
C GLY A 144 -4.98 -6.88 14.96
N CYS A 145 -5.42 -5.71 15.33
CA CYS A 145 -6.35 -5.03 14.52
C CYS A 145 -5.80 -4.69 13.13
N LEU A 146 -4.59 -4.24 13.05
CA LEU A 146 -4.02 -3.96 11.75
C LEU A 146 -3.87 -5.20 10.88
N ARG A 147 -3.68 -6.31 11.54
CA ARG A 147 -3.64 -7.64 10.97
C ARG A 147 -4.97 -8.22 10.54
N ALA A 148 -5.95 -7.94 11.36
CA ALA A 148 -7.32 -8.24 11.13
C ALA A 148 -7.86 -7.52 9.90
N ILE A 149 -7.43 -6.28 9.70
CA ILE A 149 -7.75 -5.51 8.55
C ILE A 149 -7.17 -6.11 7.28
N VAL A 150 -5.91 -6.49 7.39
CA VAL A 150 -5.10 -7.08 6.32
C VAL A 150 -5.63 -8.40 5.81
N LEU A 151 -6.15 -9.17 6.74
CA LEU A 151 -6.78 -10.43 6.54
C LEU A 151 -8.08 -10.33 5.74
N PHE A 152 -8.83 -9.29 6.00
CA PHE A 152 -10.08 -9.01 5.37
C PHE A 152 -9.99 -8.14 4.11
N ASN A 153 -9.24 -8.56 3.11
CA ASN A 153 -9.03 -7.75 1.93
C ASN A 153 -10.06 -8.10 0.88
N PRO A 154 -10.91 -7.16 0.59
CA PRO A 154 -11.94 -7.30 -0.43
C PRO A 154 -11.42 -7.28 -1.82
N ASP A 155 -10.22 -6.83 -2.02
CA ASP A 155 -9.67 -6.69 -3.35
C ASP A 155 -9.24 -7.99 -3.90
N SER A 156 -9.13 -8.98 -3.05
CA SER A 156 -8.69 -10.28 -3.44
C SER A 156 -9.57 -11.00 -4.47
N LYS A 157 -8.92 -11.31 -5.58
CA LYS A 157 -9.50 -11.96 -6.72
C LYS A 157 -9.97 -13.39 -6.47
N GLY A 158 -11.16 -13.67 -6.94
CA GLY A 158 -11.77 -14.95 -6.76
C GLY A 158 -12.58 -15.06 -5.50
N LEU A 159 -12.62 -14.03 -4.68
CA LEU A 159 -13.45 -13.98 -3.45
C LEU A 159 -14.95 -14.06 -3.75
N SER A 160 -15.66 -15.02 -3.21
CA SER A 160 -17.06 -15.26 -3.61
C SER A 160 -18.09 -14.17 -3.34
N ASN A 161 -18.00 -13.60 -2.16
CA ASN A 161 -18.73 -12.45 -1.73
C ASN A 161 -17.73 -11.42 -1.20
N PRO A 162 -17.18 -10.65 -2.09
CA PRO A 162 -16.14 -9.69 -1.78
C PRO A 162 -16.60 -8.56 -0.87
N ALA A 163 -17.88 -8.30 -0.90
CA ALA A 163 -18.63 -7.46 -0.03
C ALA A 163 -18.78 -7.91 1.41
N GLU A 164 -18.89 -9.20 1.62
CA GLU A 164 -18.98 -9.81 2.93
C GLU A 164 -17.68 -9.62 3.68
N VAL A 165 -16.61 -9.67 2.92
CA VAL A 165 -15.31 -9.31 3.40
C VAL A 165 -15.23 -7.85 3.67
N GLU A 166 -15.70 -7.05 2.73
CA GLU A 166 -15.60 -5.61 2.73
C GLU A 166 -16.20 -5.20 4.06
N ALA A 167 -17.21 -5.93 4.49
CA ALA A 167 -17.91 -5.71 5.72
C ALA A 167 -17.06 -5.88 6.91
N LEU A 168 -16.40 -7.00 6.97
CA LEU A 168 -15.63 -7.36 8.13
C LEU A 168 -14.46 -6.47 8.46
N ARG A 169 -13.75 -6.00 7.43
CA ARG A 169 -12.68 -5.02 7.58
C ARG A 169 -13.26 -3.77 8.18
N GLU A 170 -14.48 -3.43 7.77
CA GLU A 170 -15.22 -2.27 8.25
C GLU A 170 -15.61 -2.28 9.74
N LYS A 171 -15.96 -3.42 10.29
CA LYS A 171 -16.19 -3.61 11.72
C LYS A 171 -14.96 -3.60 12.61
N VAL A 172 -13.91 -4.15 12.08
CA VAL A 172 -12.63 -4.18 12.69
C VAL A 172 -12.06 -2.80 12.83
N TYR A 173 -12.05 -2.07 11.75
CA TYR A 173 -11.42 -0.81 11.75
C TYR A 173 -12.15 0.23 12.51
N ALA A 174 -13.36 -0.12 12.91
CA ALA A 174 -14.15 0.68 13.80
C ALA A 174 -13.83 0.39 15.26
N SER A 175 -13.76 -0.86 15.59
CA SER A 175 -13.44 -1.32 16.90
C SER A 175 -12.06 -0.83 17.34
N LEU A 176 -11.15 -0.67 16.40
CA LEU A 176 -9.88 -0.05 16.70
C LEU A 176 -9.97 1.41 17.08
N GLU A 177 -10.67 2.21 16.31
CA GLU A 177 -10.79 3.62 16.57
C GLU A 177 -11.40 3.84 17.92
N ALA A 178 -12.35 3.03 18.29
CA ALA A 178 -12.97 3.05 19.59
C ALA A 178 -11.98 2.77 20.65
N TYR A 179 -11.02 1.91 20.34
CA TYR A 179 -9.94 1.66 21.25
C TYR A 179 -9.02 2.84 21.35
N CYS A 180 -8.55 3.28 20.19
CA CYS A 180 -7.53 4.26 19.98
C CYS A 180 -7.94 5.53 20.62
N LYS A 181 -9.20 5.89 20.44
CA LYS A 181 -9.81 7.05 21.02
C LYS A 181 -9.91 6.86 22.53
N HIS A 182 -10.08 5.65 22.95
CA HIS A 182 -10.26 5.40 24.34
C HIS A 182 -8.94 5.41 24.97
N LYS A 183 -8.15 4.40 24.70
CA LYS A 183 -6.94 4.12 25.44
C LYS A 183 -5.86 5.15 25.38
N TYR A 184 -5.86 5.92 24.33
CA TYR A 184 -4.89 6.96 24.19
C TYR A 184 -5.56 8.24 23.77
N PRO A 185 -6.32 8.82 24.67
CA PRO A 185 -7.20 9.94 24.42
C PRO A 185 -6.44 11.20 24.12
N GLU A 186 -5.18 11.20 24.45
CA GLU A 186 -4.31 12.30 24.25
C GLU A 186 -3.71 12.14 22.90
N GLN A 187 -4.11 11.10 22.21
CA GLN A 187 -3.52 10.74 20.95
C GLN A 187 -4.48 10.60 19.83
N PRO A 188 -4.87 11.74 19.27
CA PRO A 188 -5.83 11.90 18.17
C PRO A 188 -5.48 11.34 16.79
N GLY A 189 -4.22 11.43 16.41
CA GLY A 189 -3.78 11.00 15.12
C GLY A 189 -3.36 9.58 15.04
N ARG A 190 -3.48 8.86 16.14
CA ARG A 190 -3.07 7.50 16.27
C ARG A 190 -3.75 6.55 15.28
N PHE A 191 -5.05 6.64 15.17
CA PHE A 191 -5.73 5.76 14.30
C PHE A 191 -5.21 5.90 12.90
N ALA A 192 -5.17 7.07 12.34
CA ALA A 192 -4.66 7.22 10.98
C ALA A 192 -3.19 6.89 10.79
N LYS A 193 -2.41 7.14 11.83
CA LYS A 193 -1.02 6.79 11.93
C LYS A 193 -0.82 5.29 11.86
N LEU A 194 -1.64 4.58 12.59
CA LEU A 194 -1.61 3.17 12.59
C LEU A 194 -1.90 2.60 11.20
N LEU A 195 -2.83 3.22 10.49
CA LEU A 195 -3.24 2.74 9.18
C LEU A 195 -2.39 3.20 8.02
N LEU A 196 -1.54 4.14 8.29
CA LEU A 196 -0.66 4.67 7.28
C LEU A 196 0.69 3.98 7.32
N ARG A 197 0.69 2.76 7.82
CA ARG A 197 1.84 1.91 7.79
C ARG A 197 1.55 0.73 6.87
N LEU A 198 0.30 0.52 6.54
CA LEU A 198 -0.15 -0.50 5.62
C LEU A 198 0.32 -0.43 4.19
N PRO A 199 0.35 0.75 3.59
CA PRO A 199 0.85 0.90 2.23
C PRO A 199 2.33 0.51 2.08
N ALA A 200 3.06 0.62 3.15
CA ALA A 200 4.39 0.13 3.34
C ALA A 200 4.49 -1.37 3.47
N LEU A 201 3.55 -1.88 4.23
CA LEU A 201 3.41 -3.26 4.53
C LEU A 201 3.21 -3.97 3.25
N ARG A 202 2.38 -3.41 2.41
CA ARG A 202 2.17 -3.90 1.10
C ARG A 202 3.40 -3.87 0.19
N SER A 203 4.10 -2.76 0.25
CA SER A 203 5.23 -2.38 -0.54
C SER A 203 6.42 -3.19 -0.27
N ILE A 204 6.66 -3.39 1.00
CA ILE A 204 7.63 -4.29 1.49
C ILE A 204 7.32 -5.74 1.09
N GLY A 205 6.09 -6.17 1.27
CA GLY A 205 5.66 -7.50 0.95
C GLY A 205 5.82 -7.90 -0.50
N LEU A 206 5.63 -7.00 -1.42
CA LEU A 206 5.80 -7.31 -2.80
C LEU A 206 7.20 -7.64 -3.24
N LYS A 207 8.15 -6.80 -2.89
CA LYS A 207 9.58 -7.02 -3.07
C LYS A 207 10.08 -8.15 -2.19
N CYS A 208 9.55 -8.26 -1.00
CA CYS A 208 9.88 -9.33 -0.13
C CYS A 208 9.58 -10.68 -0.78
N LEU A 209 8.49 -10.74 -1.47
CA LEU A 209 7.99 -11.84 -2.22
C LEU A 209 8.83 -12.13 -3.41
N GLU A 210 9.39 -11.08 -3.95
CA GLU A 210 10.06 -11.09 -5.21
C GLU A 210 11.29 -11.89 -5.19
N HIS A 211 11.88 -11.89 -4.02
CA HIS A 211 13.04 -12.66 -3.67
C HIS A 211 12.74 -14.14 -3.51
N LEU A 212 11.82 -14.46 -2.65
CA LEU A 212 11.49 -15.81 -2.38
C LEU A 212 11.31 -16.61 -3.61
N PHE A 213 10.74 -16.03 -4.65
CA PHE A 213 10.60 -16.61 -5.97
C PHE A 213 11.95 -16.79 -6.56
N PHE A 214 12.85 -15.86 -6.25
CA PHE A 214 14.20 -15.94 -6.73
C PHE A 214 14.94 -17.05 -6.08
N PHE A 215 14.81 -17.16 -4.77
CA PHE A 215 15.45 -18.21 -3.99
C PHE A 215 14.96 -19.59 -4.36
N LYS A 216 13.72 -19.69 -4.78
CA LYS A 216 13.17 -20.83 -5.43
C LYS A 216 13.74 -21.05 -6.82
N LEU A 217 13.88 -20.00 -7.61
CA LEU A 217 14.34 -20.11 -8.99
C LEU A 217 15.78 -20.55 -9.21
N ILE A 218 16.69 -19.93 -8.49
CA ILE A 218 18.10 -20.26 -8.45
C ILE A 218 18.36 -21.56 -7.67
N GLY A 219 17.45 -21.95 -6.82
CA GLY A 219 17.48 -23.22 -6.17
C GLY A 219 18.40 -23.65 -5.07
N ASP A 220 19.16 -22.76 -4.49
CA ASP A 220 20.02 -23.13 -3.39
C ASP A 220 19.57 -22.74 -1.98
N THR A 221 18.34 -22.29 -1.79
CA THR A 221 17.82 -22.02 -0.47
C THR A 221 16.75 -23.03 -0.18
N PRO A 222 16.82 -23.72 0.96
CA PRO A 222 15.77 -24.66 1.34
C PRO A 222 14.42 -24.01 1.62
N ILE A 223 13.39 -24.56 1.04
CA ILE A 223 12.06 -24.06 1.21
C ILE A 223 11.08 -25.19 1.55
N ASP A 224 10.37 -25.11 2.66
CA ASP A 224 9.53 -26.19 3.11
C ASP A 224 8.21 -26.38 2.40
N THR A 225 7.47 -27.37 2.82
CA THR A 225 6.23 -27.68 2.16
C THR A 225 5.16 -26.58 2.17
N PHE A 226 4.89 -26.02 3.32
CA PHE A 226 3.93 -24.97 3.42
C PHE A 226 4.33 -23.66 2.76
N LEU A 227 5.54 -23.21 2.99
CA LEU A 227 6.05 -22.04 2.36
C LEU A 227 6.04 -22.27 0.90
N MET A 228 6.37 -23.47 0.51
CA MET A 228 6.40 -23.82 -0.87
C MET A 228 5.03 -23.77 -1.55
N GLU A 229 3.97 -24.08 -0.83
CA GLU A 229 2.61 -24.08 -1.35
C GLU A 229 2.17 -22.69 -1.73
N MET A 230 2.57 -21.70 -0.96
CA MET A 230 2.23 -20.29 -1.18
C MET A 230 2.86 -19.60 -2.36
N LEU A 231 4.01 -20.10 -2.77
CA LEU A 231 4.75 -19.57 -3.88
C LEU A 231 4.33 -20.36 -5.08
N GLU A 232 3.12 -20.86 -5.07
CA GLU A 232 2.61 -21.64 -6.16
C GLU A 232 1.57 -20.82 -6.88
N ALA A 233 1.69 -20.73 -8.19
CA ALA A 233 0.71 -20.13 -9.08
C ALA A 233 -0.74 -20.44 -8.74
N PRO A 234 -1.47 -19.41 -8.32
CA PRO A 234 -2.78 -19.57 -7.74
C PRO A 234 -3.17 -20.99 -7.71
N HIS B 2 -4.60 -26.77 -2.93
CA HIS B 2 -3.75 -26.08 -2.03
C HIS B 2 -3.77 -26.85 -0.77
N LYS B 3 -3.28 -28.06 -0.89
CA LYS B 3 -3.63 -29.16 -0.07
C LYS B 3 -3.47 -28.93 1.42
N ILE B 4 -2.34 -28.41 1.83
CA ILE B 4 -2.02 -28.14 3.21
C ILE B 4 -2.86 -27.07 3.91
N LEU B 5 -3.06 -25.98 3.19
CA LEU B 5 -3.82 -24.88 3.67
C LEU B 5 -5.20 -25.41 3.97
N HIS B 6 -5.78 -26.15 3.03
CA HIS B 6 -7.08 -26.71 3.15
C HIS B 6 -7.15 -27.61 4.35
N ARG B 7 -6.23 -28.49 4.46
CA ARG B 7 -6.20 -29.48 5.51
C ARG B 7 -6.22 -28.85 6.89
N LEU B 8 -5.46 -27.80 7.05
CA LEU B 8 -5.47 -27.01 8.24
C LEU B 8 -6.78 -26.28 8.52
N LEU B 9 -7.49 -25.86 7.50
CA LEU B 9 -8.70 -25.13 7.71
C LEU B 9 -9.91 -26.00 7.99
N GLN B 10 -9.89 -27.23 7.47
CA GLN B 10 -10.96 -28.17 7.67
C GLN B 10 -11.21 -28.50 9.14
N ASP B 11 -10.19 -28.84 9.88
CA ASP B 11 -10.34 -29.30 11.24
C ASP B 11 -10.18 -28.22 12.27
N ASN C 3 -9.26 24.79 9.63
CA ASN C 3 -8.15 25.01 8.71
C ASN C 3 -7.12 26.05 9.12
N GLU C 4 -6.19 25.71 9.99
CA GLU C 4 -5.22 26.72 10.31
C GLU C 4 -3.97 26.63 9.44
N ASP C 5 -3.23 25.55 9.52
CA ASP C 5 -2.01 25.46 8.73
C ASP C 5 -2.15 24.76 7.38
N MET C 6 -2.93 23.69 7.32
CA MET C 6 -3.29 23.06 6.05
C MET C 6 -4.77 23.26 5.69
N PRO C 7 -5.05 24.08 4.67
CA PRO C 7 -6.41 24.42 4.24
C PRO C 7 -6.93 23.51 3.18
N VAL C 8 -8.12 22.98 3.41
CA VAL C 8 -8.68 21.97 2.57
C VAL C 8 -8.93 22.50 1.20
N GLU C 9 -9.33 23.74 1.18
CA GLU C 9 -9.73 24.37 -0.02
C GLU C 9 -8.65 24.53 -1.03
N ARG C 10 -7.51 24.93 -0.54
CA ARG C 10 -6.34 25.22 -1.34
C ARG C 10 -5.75 24.04 -2.04
N ILE C 11 -5.88 22.92 -1.41
CA ILE C 11 -5.46 21.68 -1.96
C ILE C 11 -6.39 21.34 -3.11
N LEU C 12 -7.65 21.62 -2.87
CA LEU C 12 -8.74 21.51 -3.81
C LEU C 12 -8.67 22.51 -4.97
N GLU C 13 -8.08 23.69 -4.71
CA GLU C 13 -7.84 24.69 -5.71
C GLU C 13 -6.87 24.19 -6.72
N ALA C 14 -5.82 23.59 -6.25
CA ALA C 14 -4.80 23.02 -7.07
C ALA C 14 -5.39 21.92 -7.90
N GLU C 15 -6.39 21.21 -7.42
CA GLU C 15 -7.00 20.17 -8.19
C GLU C 15 -7.76 20.69 -9.37
N LEU C 16 -8.55 21.71 -9.12
CA LEU C 16 -9.34 22.40 -10.09
C LEU C 16 -8.46 23.11 -11.05
N ALA C 17 -7.37 23.56 -10.50
CA ALA C 17 -6.40 24.35 -11.21
C ALA C 17 -5.57 23.64 -12.26
N VAL C 18 -5.53 22.34 -12.22
CA VAL C 18 -4.64 21.59 -13.05
C VAL C 18 -5.33 20.74 -14.06
N GLU C 19 -6.63 20.66 -13.91
CA GLU C 19 -7.56 19.80 -14.60
C GLU C 19 -7.71 19.96 -16.09
N PRO C 20 -7.71 18.88 -16.82
CA PRO C 20 -7.79 18.97 -18.27
C PRO C 20 -8.68 20.08 -18.73
N ASN C 38 -4.70 3.24 -32.47
CA ASN C 38 -4.17 2.11 -33.15
C ASN C 38 -3.44 1.24 -32.15
N ASP C 39 -2.61 1.82 -31.29
CA ASP C 39 -1.87 1.07 -30.31
C ASP C 39 -2.17 1.71 -29.03
N PRO C 40 -3.11 1.22 -28.27
CA PRO C 40 -3.53 1.98 -27.14
C PRO C 40 -2.39 2.27 -26.33
N VAL C 41 -1.47 1.35 -26.24
CA VAL C 41 -0.41 1.49 -25.31
C VAL C 41 0.39 2.71 -25.61
N THR C 42 0.61 2.98 -26.87
CA THR C 42 1.41 4.10 -27.32
C THR C 42 0.77 5.37 -26.90
N ASN C 43 -0.54 5.39 -26.94
CA ASN C 43 -1.30 6.52 -26.52
C ASN C 43 -1.25 6.89 -25.04
N ILE C 44 -1.39 5.91 -24.20
CA ILE C 44 -1.37 5.98 -22.75
C ILE C 44 -0.05 6.51 -22.21
N CYS C 45 0.93 6.53 -23.09
CA CYS C 45 2.26 7.03 -22.87
C CYS C 45 2.48 8.43 -23.32
N GLN C 46 1.89 8.76 -24.44
CA GLN C 46 1.94 10.07 -24.97
C GLN C 46 1.29 10.91 -23.93
N ALA C 47 0.27 10.37 -23.33
CA ALA C 47 -0.49 11.00 -22.29
C ALA C 47 0.24 11.20 -20.98
N ALA C 48 1.14 10.32 -20.69
CA ALA C 48 1.87 10.38 -19.46
C ALA C 48 2.96 11.40 -19.40
N ASP C 49 3.78 11.45 -20.41
CA ASP C 49 4.80 12.44 -20.50
C ASP C 49 4.06 13.76 -20.45
N LYS C 50 2.98 13.90 -21.19
CA LYS C 50 2.17 15.09 -21.15
C LYS C 50 1.57 15.42 -19.76
N GLN C 51 1.01 14.45 -19.06
CA GLN C 51 0.53 14.62 -17.71
C GLN C 51 1.60 15.04 -16.72
N LEU C 52 2.83 14.57 -16.84
CA LEU C 52 3.90 14.84 -15.85
C LEU C 52 4.30 16.28 -15.73
N PHE C 53 4.20 16.98 -16.84
CA PHE C 53 4.50 18.36 -16.91
C PHE C 53 3.55 19.16 -16.00
N THR C 54 2.29 18.85 -16.10
CA THR C 54 1.21 19.39 -15.36
C THR C 54 1.16 18.96 -13.94
N LEU C 55 1.67 17.78 -13.68
CA LEU C 55 1.79 17.29 -12.33
C LEU C 55 2.74 18.09 -11.49
N VAL C 56 3.86 18.53 -12.01
CA VAL C 56 4.77 19.31 -11.19
C VAL C 56 4.14 20.57 -10.68
N GLU C 57 3.46 21.27 -11.56
CA GLU C 57 2.77 22.45 -11.20
C GLU C 57 1.71 22.18 -10.17
N TRP C 58 1.02 21.07 -10.27
CA TRP C 58 0.01 20.75 -9.30
C TRP C 58 0.68 20.72 -7.99
N ALA C 59 1.85 20.14 -7.94
CA ALA C 59 2.60 19.95 -6.75
C ALA C 59 3.08 21.22 -6.11
N LYS C 60 3.42 22.19 -6.94
CA LYS C 60 3.82 23.49 -6.53
C LYS C 60 2.70 24.10 -5.74
N ARG C 61 1.51 23.88 -6.24
CA ARG C 61 0.28 24.47 -5.73
C ARG C 61 -0.19 23.96 -4.37
N ILE C 62 0.46 22.96 -3.80
CA ILE C 62 0.11 22.38 -2.52
C ILE C 62 0.84 22.96 -1.33
N PRO C 63 0.12 23.34 -0.32
CA PRO C 63 0.70 24.08 0.76
C PRO C 63 1.92 23.49 1.37
N HIS C 64 2.97 24.26 1.25
CA HIS C 64 4.29 24.05 1.81
C HIS C 64 5.18 23.12 1.02
N PHE C 65 4.76 22.75 -0.16
CA PHE C 65 5.61 21.89 -0.91
C PHE C 65 6.87 22.63 -1.30
N SER C 66 6.71 23.82 -1.81
CA SER C 66 7.75 24.61 -2.36
C SER C 66 8.68 25.17 -1.32
N GLU C 67 8.37 24.92 -0.08
CA GLU C 67 9.18 25.39 1.02
C GLU C 67 10.26 24.39 1.40
N LEU C 68 10.35 23.34 0.63
CA LEU C 68 11.27 22.26 0.85
C LEU C 68 12.33 22.32 -0.22
N PRO C 69 13.56 22.05 0.12
CA PRO C 69 14.63 22.26 -0.82
C PRO C 69 14.38 21.44 -2.02
N LEU C 70 14.83 21.93 -3.12
CA LEU C 70 14.47 21.41 -4.37
C LEU C 70 14.81 19.99 -4.37
N ASP C 71 15.95 19.63 -3.84
CA ASP C 71 16.34 18.24 -3.82
C ASP C 71 15.36 17.29 -3.11
N ASP C 72 14.86 17.73 -1.98
CA ASP C 72 13.83 17.05 -1.23
C ASP C 72 12.48 16.98 -1.99
N GLN C 73 12.19 18.05 -2.71
CA GLN C 73 11.09 18.09 -3.64
C GLN C 73 11.21 17.11 -4.79
N VAL C 74 12.36 17.05 -5.44
CA VAL C 74 12.58 16.12 -6.53
C VAL C 74 12.50 14.65 -6.16
N ILE C 75 12.95 14.29 -4.97
CA ILE C 75 12.79 12.95 -4.45
C ILE C 75 11.31 12.66 -4.19
N LEU C 76 10.56 13.60 -3.65
CA LEU C 76 9.15 13.41 -3.47
C LEU C 76 8.28 13.23 -4.73
N LEU C 77 8.55 13.99 -5.76
CA LEU C 77 8.01 13.88 -7.07
C LEU C 77 8.42 12.68 -7.90
N ARG C 78 9.68 12.32 -7.80
CA ARG C 78 10.18 11.11 -8.38
C ARG C 78 9.65 9.92 -7.65
N ALA C 79 9.40 10.11 -6.37
CA ALA C 79 8.90 9.06 -5.50
C ALA C 79 7.45 8.70 -5.69
N GLY C 80 6.70 9.55 -6.33
CA GLY C 80 5.27 9.37 -6.40
C GLY C 80 4.55 9.65 -7.67
N TRP C 81 5.26 9.71 -8.77
CA TRP C 81 4.72 9.99 -10.05
C TRP C 81 3.69 8.99 -10.55
N ASN C 82 3.92 7.71 -10.33
CA ASN C 82 2.94 6.67 -10.63
C ASN C 82 1.65 6.66 -9.79
N GLU C 83 1.77 6.71 -8.48
CA GLU C 83 0.67 6.71 -7.55
C GLU C 83 -0.19 7.92 -7.71
N LEU C 84 0.41 9.04 -7.94
CA LEU C 84 -0.32 10.25 -8.15
C LEU C 84 -1.15 10.45 -9.42
N LEU C 85 -0.52 10.29 -10.57
CA LEU C 85 -1.18 10.38 -11.86
C LEU C 85 -2.16 9.26 -12.02
N ILE C 86 -1.94 8.18 -11.30
CA ILE C 86 -2.83 7.04 -11.35
C ILE C 86 -4.16 7.30 -10.77
N ALA C 87 -4.17 7.86 -9.59
CA ALA C 87 -5.39 8.21 -8.89
C ALA C 87 -6.00 9.44 -9.46
N SER C 88 -5.26 10.21 -10.19
CA SER C 88 -5.90 11.24 -10.89
C SER C 88 -6.85 10.65 -11.95
N PHE C 89 -6.34 9.83 -12.84
CA PHE C 89 -7.06 9.25 -13.93
C PHE C 89 -8.11 8.23 -13.55
N SER C 90 -7.99 7.69 -12.36
CA SER C 90 -8.97 6.82 -11.83
C SER C 90 -10.28 7.51 -11.48
N HIS C 91 -10.17 8.64 -10.82
CA HIS C 91 -11.23 9.54 -10.47
C HIS C 91 -11.86 10.18 -11.68
N ARG C 92 -11.09 10.44 -12.69
CA ARG C 92 -11.61 11.09 -13.85
C ARG C 92 -12.40 10.13 -14.59
N SER C 93 -12.45 8.92 -14.08
CA SER C 93 -13.02 7.83 -14.83
C SER C 93 -14.26 7.26 -14.18
N ILE C 94 -14.69 7.86 -13.12
CA ILE C 94 -15.88 7.48 -12.38
C ILE C 94 -17.13 7.60 -13.22
N ALA C 95 -17.06 8.46 -14.25
CA ALA C 95 -18.05 8.61 -15.31
C ALA C 95 -18.17 7.53 -16.35
N VAL C 96 -17.06 7.11 -16.94
CA VAL C 96 -17.00 6.11 -17.98
C VAL C 96 -17.32 4.70 -17.53
N LYS C 97 -17.84 3.90 -18.44
CA LYS C 97 -18.45 2.67 -18.06
C LYS C 97 -17.45 1.59 -17.83
N ASP C 98 -16.91 1.02 -18.88
CA ASP C 98 -15.75 0.21 -18.72
C ASP C 98 -14.65 0.83 -19.52
N GLY C 99 -13.79 1.51 -18.82
CA GLY C 99 -12.69 2.13 -19.46
C GLY C 99 -12.24 3.34 -18.76
N ILE C 100 -11.25 3.97 -19.36
CA ILE C 100 -10.67 5.19 -18.85
C ILE C 100 -10.54 6.26 -19.90
N LEU C 101 -10.45 7.44 -19.39
CA LEU C 101 -10.33 8.63 -20.15
C LEU C 101 -8.96 9.16 -19.89
N LEU C 102 -8.24 9.43 -20.96
CA LEU C 102 -6.92 10.05 -20.90
C LEU C 102 -6.94 11.57 -20.94
N ALA C 103 -5.89 12.14 -20.37
CA ALA C 103 -5.64 13.53 -20.35
C ALA C 103 -5.62 14.00 -21.79
N THR C 104 -5.14 13.14 -22.66
CA THR C 104 -5.04 13.31 -24.09
C THR C 104 -6.39 13.43 -24.77
N GLY C 105 -7.44 13.04 -24.05
CA GLY C 105 -8.82 13.05 -24.50
C GLY C 105 -9.32 11.84 -25.23
N LEU C 106 -8.48 10.85 -25.38
CA LEU C 106 -8.90 9.61 -25.93
C LEU C 106 -9.61 8.87 -24.82
N HIS C 107 -10.22 7.74 -25.09
CA HIS C 107 -10.79 6.70 -24.26
CA HIS C 107 -10.73 6.73 -24.24
C HIS C 107 -10.13 5.45 -24.54
N VAL C 108 -9.81 4.78 -23.45
CA VAL C 108 -9.34 3.40 -23.52
C VAL C 108 -10.30 2.47 -22.83
N HIS C 109 -10.98 1.70 -23.66
CA HIS C 109 -11.92 0.71 -23.28
C HIS C 109 -11.20 -0.50 -22.81
N ARG C 110 -11.87 -1.30 -22.03
CA ARG C 110 -11.36 -2.51 -21.52
C ARG C 110 -10.97 -3.46 -22.60
N ASN C 111 -11.77 -3.60 -23.63
CA ASN C 111 -11.45 -4.46 -24.75
C ASN C 111 -10.19 -4.00 -25.45
N SER C 112 -9.99 -2.70 -25.56
CA SER C 112 -8.86 -2.16 -26.26
C SER C 112 -7.57 -2.52 -25.59
N ALA C 113 -7.58 -2.38 -24.28
CA ALA C 113 -6.48 -2.71 -23.40
C ALA C 113 -6.06 -4.14 -23.29
N HIS C 114 -6.98 -5.08 -23.29
CA HIS C 114 -6.89 -6.41 -23.25
CA HIS C 114 -6.92 -6.41 -23.25
C HIS C 114 -6.23 -6.99 -24.54
N SER C 115 -6.55 -6.36 -25.66
CA SER C 115 -6.13 -6.67 -27.02
C SER C 115 -4.67 -6.33 -27.30
N ALA C 116 -4.13 -5.56 -26.41
CA ALA C 116 -2.78 -5.10 -26.47
C ALA C 116 -1.92 -5.67 -25.36
N GLY C 117 -2.49 -6.57 -24.63
CA GLY C 117 -1.79 -7.35 -23.64
C GLY C 117 -1.63 -6.86 -22.23
N VAL C 118 -2.40 -5.84 -21.90
CA VAL C 118 -2.33 -5.08 -20.64
C VAL C 118 -3.60 -5.08 -19.80
N GLY C 119 -4.46 -6.02 -20.09
CA GLY C 119 -5.71 -6.20 -19.43
C GLY C 119 -5.68 -6.55 -17.97
N ALA C 120 -4.66 -7.24 -17.56
CA ALA C 120 -4.57 -7.69 -16.23
C ALA C 120 -4.54 -6.52 -15.26
N ILE C 121 -3.66 -5.57 -15.56
CA ILE C 121 -3.48 -4.32 -14.84
C ILE C 121 -4.70 -3.42 -15.00
N PHE C 122 -5.25 -3.40 -16.21
CA PHE C 122 -6.38 -2.56 -16.57
C PHE C 122 -7.61 -2.83 -15.73
N ASP C 123 -7.94 -4.06 -15.56
CA ASP C 123 -9.03 -4.45 -14.69
C ASP C 123 -8.82 -4.16 -13.21
N ARG C 124 -7.57 -4.29 -12.79
CA ARG C 124 -7.13 -3.95 -11.48
C ARG C 124 -7.33 -2.49 -11.14
N VAL C 125 -7.03 -1.59 -12.07
CA VAL C 125 -7.33 -0.19 -11.89
C VAL C 125 -8.83 0.04 -11.79
N LEU C 126 -9.56 -0.51 -12.75
CA LEU C 126 -11.00 -0.46 -12.78
C LEU C 126 -11.68 -1.17 -11.64
N THR C 127 -11.30 -2.39 -11.29
CA THR C 127 -11.94 -2.95 -10.12
C THR C 127 -11.55 -2.28 -8.81
N GLU C 128 -10.26 -2.19 -8.61
CA GLU C 128 -9.63 -1.77 -7.41
C GLU C 128 -9.77 -0.33 -7.03
N LEU C 129 -9.73 0.52 -8.03
CA LEU C 129 -9.85 1.90 -7.77
C LEU C 129 -11.15 2.54 -8.29
N VAL C 130 -11.36 2.57 -9.57
CA VAL C 130 -12.46 3.31 -10.13
C VAL C 130 -13.84 2.99 -9.59
N SER C 131 -14.20 1.74 -9.42
CA SER C 131 -15.49 1.32 -8.84
C SER C 131 -15.63 1.59 -7.39
N LYS C 132 -14.52 1.40 -6.72
CA LYS C 132 -14.36 1.68 -5.33
C LYS C 132 -14.45 3.14 -5.00
N MET C 133 -13.86 3.98 -5.86
CA MET C 133 -13.95 5.42 -5.76
C MET C 133 -15.32 5.83 -6.09
N ARG C 134 -15.75 5.41 -7.24
CA ARG C 134 -17.03 5.74 -7.77
C ARG C 134 -18.16 5.39 -6.82
N ASP C 135 -18.03 4.30 -6.11
CA ASP C 135 -19.05 3.84 -5.22
C ASP C 135 -19.34 4.73 -4.06
N MET C 136 -18.31 5.34 -3.54
CA MET C 136 -18.40 6.20 -2.41
C MET C 136 -18.51 7.64 -2.85
N GLN C 137 -18.59 7.88 -4.14
CA GLN C 137 -18.77 9.19 -4.67
C GLN C 137 -17.75 10.19 -4.12
N MET C 138 -16.48 9.80 -4.12
CA MET C 138 -15.39 10.57 -3.59
C MET C 138 -15.29 11.91 -4.34
N ASP C 139 -15.17 12.99 -3.59
CA ASP C 139 -15.04 14.30 -4.17
C ASP C 139 -13.61 14.68 -4.46
N LYS C 140 -13.46 15.74 -5.24
CA LYS C 140 -12.19 16.24 -5.67
C LYS C 140 -11.36 16.72 -4.47
N THR C 141 -12.02 17.13 -3.44
CA THR C 141 -11.34 17.47 -2.27
C THR C 141 -10.70 16.23 -1.70
N GLU C 142 -11.46 15.19 -1.49
CA GLU C 142 -10.95 13.94 -0.98
C GLU C 142 -9.89 13.39 -1.91
N LEU C 143 -9.98 13.63 -3.20
CA LEU C 143 -8.92 13.21 -4.06
C LEU C 143 -7.63 14.04 -3.86
N GLY C 144 -7.73 15.34 -3.94
CA GLY C 144 -6.57 16.17 -3.78
C GLY C 144 -5.93 15.95 -2.43
N CYS C 145 -6.72 15.58 -1.45
CA CYS C 145 -6.24 15.24 -0.12
C CYS C 145 -5.42 13.96 0.02
N LEU C 146 -5.81 12.91 -0.66
CA LEU C 146 -5.11 11.66 -0.67
C LEU C 146 -3.81 11.70 -1.43
N ARG C 147 -3.82 12.40 -2.54
CA ARG C 147 -2.71 12.64 -3.42
C ARG C 147 -1.57 13.36 -2.67
N ALA C 148 -1.98 14.12 -1.69
CA ALA C 148 -1.16 14.89 -0.78
C ALA C 148 -0.37 14.14 0.30
N ILE C 149 -1.05 13.16 0.86
CA ILE C 149 -0.51 12.14 1.68
C ILE C 149 0.40 11.28 0.86
N VAL C 150 0.13 11.09 -0.41
CA VAL C 150 1.10 10.34 -1.19
C VAL C 150 2.35 11.19 -1.29
N LEU C 151 2.24 12.41 -1.75
CA LEU C 151 3.36 13.24 -2.00
C LEU C 151 4.21 13.48 -0.78
N PHE C 152 3.62 13.56 0.40
CA PHE C 152 4.36 13.73 1.64
C PHE C 152 4.72 12.39 2.30
N ASN C 153 5.33 11.50 1.52
CA ASN C 153 5.77 10.20 1.94
C ASN C 153 7.12 10.38 2.54
N PRO C 154 7.17 10.23 3.84
CA PRO C 154 8.34 10.52 4.63
C PRO C 154 9.29 9.36 4.62
N ASP C 155 8.92 8.35 3.87
CA ASP C 155 9.55 7.11 3.87
C ASP C 155 10.33 7.05 2.66
N SER C 156 10.25 8.12 1.92
CA SER C 156 10.99 8.24 0.71
C SER C 156 12.46 8.33 0.96
N LYS C 157 13.19 7.68 0.12
CA LYS C 157 14.60 7.55 0.27
C LYS C 157 15.41 8.81 -0.13
N GLY C 158 16.39 9.16 0.67
CA GLY C 158 17.19 10.32 0.41
C GLY C 158 16.61 11.58 0.93
N LEU C 159 15.61 11.45 1.77
CA LEU C 159 14.89 12.60 2.23
C LEU C 159 15.59 13.25 3.38
N SER C 160 16.09 14.46 3.17
CA SER C 160 16.94 15.12 4.15
C SER C 160 16.31 15.40 5.51
N ASN C 161 15.11 15.96 5.56
CA ASN C 161 14.41 16.05 6.78
C ASN C 161 13.18 15.26 6.65
N PRO C 162 13.21 14.11 7.24
CA PRO C 162 12.06 13.24 7.35
C PRO C 162 11.00 13.68 8.35
N ALA C 163 11.37 14.48 9.33
CA ALA C 163 10.51 15.01 10.36
C ALA C 163 9.48 16.00 9.92
N GLU C 164 9.87 16.80 8.97
CA GLU C 164 9.02 17.75 8.41
C GLU C 164 7.96 17.12 7.52
N VAL C 165 8.36 16.27 6.59
CA VAL C 165 7.45 15.63 5.67
C VAL C 165 6.47 14.82 6.41
N GLU C 166 6.94 14.21 7.47
CA GLU C 166 6.14 13.32 8.24
C GLU C 166 5.03 14.00 8.92
N ALA C 167 5.32 15.08 9.60
CA ALA C 167 4.32 15.89 10.23
C ALA C 167 3.39 16.48 9.22
N LEU C 168 3.91 17.01 8.14
CA LEU C 168 3.10 17.64 7.15
C LEU C 168 2.03 16.73 6.66
N ARG C 169 2.27 15.42 6.60
CA ARG C 169 1.27 14.39 6.36
C ARG C 169 0.31 14.29 7.50
N GLU C 170 0.80 14.51 8.71
CA GLU C 170 0.02 14.59 9.94
C GLU C 170 -0.91 15.78 9.88
N LYS C 171 -0.58 16.74 9.03
CA LYS C 171 -1.39 17.89 8.79
C LYS C 171 -2.45 17.62 7.75
N VAL C 172 -2.04 17.10 6.60
CA VAL C 172 -2.92 16.81 5.47
C VAL C 172 -4.02 15.87 5.89
N TYR C 173 -3.74 15.04 6.89
CA TYR C 173 -4.69 14.09 7.39
C TYR C 173 -5.55 14.40 8.59
N ALA C 174 -5.06 15.22 9.47
CA ALA C 174 -5.91 15.71 10.49
C ALA C 174 -6.97 16.59 9.81
N SER C 175 -6.53 17.32 8.78
CA SER C 175 -7.36 18.13 7.93
C SER C 175 -8.39 17.33 7.16
N LEU C 176 -8.01 16.28 6.45
CA LEU C 176 -8.98 15.41 5.77
C LEU C 176 -9.98 14.70 6.69
N GLU C 177 -9.57 14.26 7.87
CA GLU C 177 -10.51 13.63 8.79
C GLU C 177 -11.57 14.56 9.23
N ALA C 178 -11.16 15.76 9.54
CA ALA C 178 -12.05 16.77 10.07
C ALA C 178 -13.14 17.08 9.08
N TYR C 179 -12.76 17.24 7.85
CA TYR C 179 -13.64 17.46 6.75
C TYR C 179 -14.60 16.30 6.48
N CYS C 180 -14.13 15.09 6.64
CA CYS C 180 -14.94 13.94 6.39
C CYS C 180 -16.12 13.90 7.36
N LYS C 181 -15.87 14.26 8.60
CA LYS C 181 -16.86 14.41 9.65
C LYS C 181 -17.87 15.48 9.35
N HIS C 182 -17.42 16.58 8.80
CA HIS C 182 -18.29 17.68 8.50
C HIS C 182 -19.21 17.47 7.35
N LYS C 183 -18.64 17.24 6.18
CA LYS C 183 -19.38 16.93 4.97
C LYS C 183 -20.17 15.61 4.98
N TYR C 184 -19.57 14.58 5.59
CA TYR C 184 -20.11 13.22 5.70
C TYR C 184 -20.07 12.60 7.11
N PRO C 185 -20.85 13.17 8.02
CA PRO C 185 -21.15 12.75 9.38
C PRO C 185 -22.08 11.55 9.54
N GLU C 186 -22.86 11.36 8.51
CA GLU C 186 -23.69 10.21 8.37
C GLU C 186 -22.88 8.94 8.27
N GLN C 187 -21.73 8.98 7.60
CA GLN C 187 -20.91 7.82 7.54
C GLN C 187 -19.67 7.99 8.34
N PRO C 188 -19.64 7.34 9.50
CA PRO C 188 -18.51 7.45 10.41
C PRO C 188 -17.21 6.97 9.80
N GLY C 189 -17.29 5.94 8.99
CA GLY C 189 -16.17 5.20 8.50
C GLY C 189 -15.59 5.70 7.20
N ARG C 190 -15.90 6.89 6.83
CA ARG C 190 -15.43 7.46 5.59
C ARG C 190 -13.91 7.68 5.61
N PHE C 191 -13.40 8.12 6.73
CA PHE C 191 -12.02 8.49 6.81
C PHE C 191 -11.13 7.29 6.52
N ALA C 192 -11.41 6.19 7.20
CA ALA C 192 -10.73 4.93 7.11
C ALA C 192 -10.77 4.23 5.77
N LYS C 193 -11.92 4.25 5.15
CA LYS C 193 -12.15 3.70 3.84
C LYS C 193 -11.33 4.41 2.76
N LEU C 194 -11.19 5.71 2.86
CA LEU C 194 -10.36 6.45 1.93
C LEU C 194 -8.84 6.18 1.97
N LEU C 195 -8.29 6.09 3.17
CA LEU C 195 -6.91 5.76 3.44
C LEU C 195 -6.60 4.35 3.02
N LEU C 196 -7.63 3.55 2.93
CA LEU C 196 -7.49 2.17 2.68
C LEU C 196 -7.45 1.77 1.21
N ARG C 197 -7.42 2.73 0.33
CA ARG C 197 -7.25 2.44 -1.06
C ARG C 197 -5.83 2.80 -1.46
N LEU C 198 -5.09 3.34 -0.51
CA LEU C 198 -3.69 3.71 -0.62
C LEU C 198 -2.68 2.59 -0.75
N PRO C 199 -2.95 1.47 -0.11
CA PRO C 199 -2.18 0.24 -0.28
C PRO C 199 -2.35 -0.41 -1.65
N ALA C 200 -3.56 -0.37 -2.10
CA ALA C 200 -3.91 -0.79 -3.42
C ALA C 200 -3.31 0.16 -4.46
N LEU C 201 -3.24 1.41 -4.08
CA LEU C 201 -2.68 2.40 -4.94
C LEU C 201 -1.20 2.13 -5.07
N ARG C 202 -0.60 1.70 -3.99
CA ARG C 202 0.81 1.41 -3.92
C ARG C 202 1.10 0.28 -4.82
N SER C 203 0.31 -0.74 -4.64
CA SER C 203 0.40 -1.98 -5.33
C SER C 203 0.27 -1.81 -6.84
N ILE C 204 -0.72 -1.10 -7.28
CA ILE C 204 -0.90 -0.86 -8.68
C ILE C 204 0.21 -0.04 -9.36
N GLY C 205 0.76 0.94 -8.67
CA GLY C 205 1.80 1.81 -9.20
C GLY C 205 3.12 1.18 -9.55
N LEU C 206 3.55 0.34 -8.66
CA LEU C 206 4.67 -0.52 -8.79
C LEU C 206 4.55 -1.48 -9.95
N LYS C 207 3.41 -2.15 -10.06
CA LYS C 207 3.07 -2.99 -11.22
C LYS C 207 2.93 -2.19 -12.51
N CYS C 208 2.49 -0.96 -12.40
CA CYS C 208 2.50 -0.02 -13.48
C CYS C 208 3.90 0.37 -13.91
N LEU C 209 4.82 0.50 -12.96
CA LEU C 209 6.16 0.83 -13.30
C LEU C 209 6.85 -0.25 -14.13
N GLU C 210 6.64 -1.50 -13.77
CA GLU C 210 7.34 -2.63 -14.32
C GLU C 210 7.06 -2.65 -15.76
N HIS C 211 5.81 -2.52 -16.10
CA HIS C 211 5.36 -2.62 -17.46
C HIS C 211 6.15 -1.65 -18.30
N LEU C 212 6.31 -0.43 -17.83
CA LEU C 212 7.02 0.65 -18.51
C LEU C 212 8.51 0.39 -18.76
N PHE C 213 9.19 -0.25 -17.81
CA PHE C 213 10.55 -0.61 -17.96
C PHE C 213 10.65 -1.59 -19.09
N PHE C 214 9.72 -2.50 -19.15
CA PHE C 214 9.63 -3.45 -20.22
C PHE C 214 9.34 -2.83 -21.57
N PHE C 215 8.53 -1.81 -21.63
CA PHE C 215 8.31 -1.21 -22.90
C PHE C 215 9.65 -0.60 -23.40
N LYS C 216 10.32 0.14 -22.55
CA LYS C 216 11.61 0.73 -22.87
C LYS C 216 12.67 -0.30 -23.14
N LEU C 217 12.65 -1.36 -22.37
CA LEU C 217 13.60 -2.40 -22.54
C LEU C 217 13.48 -3.00 -23.89
N ILE C 218 12.26 -3.18 -24.36
CA ILE C 218 11.95 -3.50 -25.72
C ILE C 218 12.19 -2.39 -26.74
N GLY C 219 11.79 -1.17 -26.43
CA GLY C 219 12.01 -0.01 -27.29
C GLY C 219 11.09 0.07 -28.48
N ASP C 220 10.07 -0.76 -28.39
CA ASP C 220 8.94 -0.88 -29.29
C ASP C 220 7.98 0.26 -29.20
N THR C 221 7.76 0.71 -27.98
CA THR C 221 6.86 1.77 -27.65
C THR C 221 7.61 3.06 -27.58
N PRO C 222 7.27 4.03 -28.39
CA PRO C 222 7.95 5.29 -28.25
C PRO C 222 7.59 5.87 -26.92
N ILE C 223 8.59 6.35 -26.22
CA ILE C 223 8.41 6.96 -24.95
C ILE C 223 9.05 8.30 -25.14
N ASP C 224 8.38 9.37 -24.75
CA ASP C 224 8.92 10.71 -24.94
C ASP C 224 9.73 11.08 -23.74
N THR C 225 10.38 12.23 -23.78
CA THR C 225 11.49 12.60 -22.92
C THR C 225 11.30 12.68 -21.42
N PHE C 226 10.19 13.22 -20.98
CA PHE C 226 9.87 13.41 -19.59
C PHE C 226 9.64 12.10 -18.90
N LEU C 227 9.07 11.18 -19.63
CA LEU C 227 8.84 9.89 -19.11
C LEU C 227 10.12 9.13 -18.96
N MET C 228 10.87 9.03 -20.02
CA MET C 228 12.08 8.29 -20.07
C MET C 228 12.90 8.79 -18.92
N GLU C 229 12.73 10.03 -18.55
CA GLU C 229 13.36 10.65 -17.43
C GLU C 229 12.99 10.07 -16.11
N MET C 230 11.76 9.67 -15.92
CA MET C 230 11.35 9.23 -14.63
C MET C 230 11.61 7.77 -14.42
N LEU C 231 11.98 7.14 -15.52
CA LEU C 231 12.46 5.77 -15.64
C LEU C 231 13.97 5.67 -15.57
N GLU C 232 14.63 6.80 -15.75
CA GLU C 232 16.07 6.84 -15.70
C GLU C 232 16.51 7.00 -14.25
N ALA C 233 17.35 6.08 -13.83
CA ALA C 233 17.78 5.85 -12.45
C ALA C 233 18.62 6.85 -11.69
N PRO C 234 18.43 6.82 -10.40
CA PRO C 234 19.11 7.71 -9.48
C PRO C 234 20.46 7.18 -9.07
N LYS D 1 21.40 13.85 -14.52
CA LYS D 1 20.98 14.07 -13.17
C LYS D 1 19.66 14.71 -13.23
N HIS D 2 18.83 14.24 -14.15
CA HIS D 2 17.47 14.70 -14.43
C HIS D 2 17.17 16.14 -14.71
N LYS D 3 17.54 16.63 -15.87
CA LYS D 3 17.42 18.04 -16.12
C LYS D 3 16.06 18.64 -16.18
N ILE D 4 15.25 18.20 -17.09
CA ILE D 4 13.99 18.81 -17.34
C ILE D 4 13.12 19.01 -16.09
N LEU D 5 13.03 18.05 -15.19
CA LEU D 5 12.27 18.21 -13.96
C LEU D 5 12.78 19.29 -13.00
N HIS D 6 14.08 19.47 -12.87
CA HIS D 6 14.63 20.50 -12.06
C HIS D 6 14.37 21.87 -12.69
N ARG D 7 14.46 21.94 -14.00
CA ARG D 7 14.17 23.10 -14.82
C ARG D 7 12.71 23.55 -14.64
N LEU D 8 11.85 22.58 -14.37
CA LEU D 8 10.43 22.77 -14.21
C LEU D 8 10.00 23.09 -12.80
N LEU D 9 10.98 23.08 -11.93
CA LEU D 9 10.79 23.39 -10.54
C LEU D 9 11.49 24.68 -10.11
N GLN D 10 11.90 25.45 -11.10
CA GLN D 10 12.26 26.83 -10.99
C GLN D 10 10.99 27.44 -11.43
N ASP D 11 10.68 27.28 -12.69
CA ASP D 11 9.39 27.64 -13.25
C ASP D 11 9.34 27.46 -14.77
CAA BGV E . 9.96 -11.28 6.16
CAB BGV E . 14.44 -8.94 5.19
CAC BGV E . 12.00 -13.65 0.67
CAD BGV E . 13.73 -13.94 4.09
OAE BGV E . 13.45 -10.02 6.97
OAF BGV E . 15.63 -11.88 4.13
OAG BGV E . 8.29 -13.69 6.03
CAH BGV E . 14.74 -11.49 2.19
CAI BGV E . 13.57 -11.62 1.65
CAJ BGV E . 10.98 -14.09 2.90
OAK BGV E . 12.72 -10.56 4.99
OAL BGV E . 9.83 -14.37 4.58
CAM BGV E . 13.52 -9.91 5.79
CAN BGV E . 10.14 -12.41 5.41
CAO BGV E . 14.67 -11.87 3.42
CAP BGV E . 9.32 -13.50 5.41
CAQ BGV E . 12.21 -13.65 2.15
CAR BGV E . 11.14 -14.05 4.35
CAS BGV E . 12.60 -12.30 2.61
CAT BGV E . 12.61 -11.97 4.95
CAU BGV E . 11.25 -12.59 4.46
CAV BGV E . 13.41 -12.49 3.82
CAA BGV F . -1.28 3.23 -15.04
CAB BGV F . -4.02 2.35 -16.50
CAC BGV F . 3.15 1.35 -19.48
CAD BGV F . -0.38 1.23 -20.26
OAE BGV F . -3.33 1.64 -18.56
OAF BGV F . -1.79 -0.57 -19.12
OAG BGV F . 0.45 5.65 -15.05
CAH BGV F . 0.40 -1.05 -18.94
CAI BGV F . 1.50 -0.39 -18.70
CAJ BGV F . 2.05 2.96 -17.95
OAK BGV F . -1.89 1.38 -17.04
OAL BGV F . 1.28 4.75 -16.93
CAM BGV F . -3.04 1.77 -17.41
CAN BGV F . -0.33 3.63 -15.96
CAO BGV F . -0.66 -0.28 -18.87
CAP BGV F . 0.46 4.77 -15.89
CAQ BGV F . 1.86 1.99 -19.06
CAR BGV F . 0.89 3.77 -17.84
CAS BGV F . 1.11 0.99 -18.38
CAT BGV F . -1.03 2.07 -17.84
CAU BGV F . 0.12 2.75 -17.09
CAV BGV F . -0.27 1.07 -18.77
#